data_8GI5
# 
_entry.id   8GI5 
# 
_audit_conform.dict_name       mmcif_pdbx.dic 
_audit_conform.dict_version    5.403 
_audit_conform.dict_location   http://mmcif.pdb.org/dictionaries/ascii/mmcif_pdbx.dic 
# 
loop_
_database_2.database_id 
_database_2.database_code 
_database_2.pdbx_database_accession 
_database_2.pdbx_DOI 
PDB   8GI5         pdb_00008gi5 10.2210/pdb8gi5/pdb 
WWPDB D_1000272977 ?            ?                   
EMDB  EMD-40061    ?            ?                   
# 
loop_
_pdbx_audit_revision_history.ordinal 
_pdbx_audit_revision_history.data_content_type 
_pdbx_audit_revision_history.major_revision 
_pdbx_audit_revision_history.minor_revision 
_pdbx_audit_revision_history.revision_date 
_pdbx_audit_revision_history.part_number 
1  'Structure model' 1 0 2023-06-14 ? 
2  'EM metadata'     1 0 2023-06-14 ? 
3  'Half map'        1 0 2023-06-14 1 
4  'Half map'        1 0 2023-06-14 2 
5  Image             1 0 2023-06-14 ? 
6  'Primary map'     1 0 2023-06-14 ? 
7  'Structure model' 1 1 2023-12-27 ? 
8  'Half map'        1 0 2023-06-14 1 
9  'Half map'        1 0 2023-06-14 2 
10 Image             1 0 2023-06-14 ? 
11 'Primary map'     1 0 2023-06-14 ? 
12 'Structure model' 1 2 2024-10-16 ? 
13 'Half map'        1 0 2023-06-14 1 
14 'Half map'        1 0 2023-06-14 2 
15 Image             1 0 2023-06-14 ? 
16 'Primary map'     1 0 2023-06-14 ? 
17 'Structure model' 1 3 2025-05-28 ? 
18 'EM metadata'     1 1 2025-05-28 ? 
# 
loop_
_pdbx_audit_revision_details.ordinal 
_pdbx_audit_revision_details.revision_ordinal 
_pdbx_audit_revision_details.data_content_type 
_pdbx_audit_revision_details.provider 
_pdbx_audit_revision_details.type 
_pdbx_audit_revision_details.description 
_pdbx_audit_revision_details.details 
1  1  'Structure model' repository 'Initial release' ? ? 
2  2  'EM metadata'     repository 'Initial release' ? ? 
3  3  'Half map'        repository 'Initial release' ? ? 
4  4  'Half map'        repository 'Initial release' ? ? 
5  5  Image             repository 'Initial release' ? ? 
6  6  'Primary map'     repository 'Initial release' ? ? 
7  8  'Half map'        repository 'Initial release' ? ? 
8  9  'Half map'        repository 'Initial release' ? ? 
9  10 Image             repository 'Initial release' ? ? 
10 11 'Primary map'     repository 'Initial release' ? ? 
11 13 'Half map'        repository 'Initial release' ? ? 
12 14 'Half map'        repository 'Initial release' ? ? 
13 15 Image             repository 'Initial release' ? ? 
14 16 'Primary map'     repository 'Initial release' ? ? 
# 
loop_
_pdbx_audit_revision_group.ordinal 
_pdbx_audit_revision_group.revision_ordinal 
_pdbx_audit_revision_group.data_content_type 
_pdbx_audit_revision_group.group 
1 7  'Structure model' 'Data collection'      
2 7  'Structure model' 'Database references'  
3 12 'Structure model' 'Data collection'      
4 12 'Structure model' 'Structure summary'    
5 17 'Structure model' 'Data collection'      
6 18 'EM metadata'     'Data processing'      
7 18 'EM metadata'     'Experimental summary' 
# 
loop_
_pdbx_audit_revision_category.ordinal 
_pdbx_audit_revision_category.revision_ordinal 
_pdbx_audit_revision_category.data_content_type 
_pdbx_audit_revision_category.category 
1  7  'Structure model' chem_comp_atom            
2  7  'Structure model' chem_comp_bond            
3  7  'Structure model' citation                  
4  7  'Structure model' citation_author           
5  12 'Structure model' em_admin                  
6  12 'Structure model' pdbx_entry_details        
7  12 'Structure model' pdbx_modification_feature 
8  17 'Structure model' em_admin                  
9  17 'Structure model' em_software               
10 18 'EM metadata'     em_admin                  
11 18 'EM metadata'     em_software               
# 
loop_
_pdbx_audit_revision_item.ordinal 
_pdbx_audit_revision_item.revision_ordinal 
_pdbx_audit_revision_item.data_content_type 
_pdbx_audit_revision_item.item 
1  7  'Structure model' '_citation.journal_volume'                     
2  7  'Structure model' '_citation.page_first'                         
3  7  'Structure model' '_citation.page_last'                          
4  7  'Structure model' '_citation.pdbx_database_id_PubMed'            
5  7  'Structure model' '_citation.title'                              
6  7  'Structure model' '_citation_author.identifier_ORCID'            
7  12 'Structure model' '_em_admin.last_update'                        
8  12 'Structure model' '_pdbx_entry_details.has_protein_modification' 
9  17 'Structure model' '_em_admin.last_update'                        
10 17 'Structure model' '_em_software.name'                            
11 18 'EM metadata'     '_em_admin.last_update'                        
12 18 'EM metadata'     '_em_software.name'                            
# 
_pdbx_database_status.status_code                     REL 
_pdbx_database_status.status_code_sf                  ? 
_pdbx_database_status.status_code_mr                  ? 
_pdbx_database_status.entry_id                        8GI5 
_pdbx_database_status.recvd_initial_deposition_date   2023-03-13 
_pdbx_database_status.SG_entry                        N 
_pdbx_database_status.deposit_site                    RCSB 
_pdbx_database_status.process_site                    RCSB 
_pdbx_database_status.status_code_cs                  ? 
_pdbx_database_status.status_code_nmr_data            ? 
_pdbx_database_status.methods_development_category    ? 
_pdbx_database_status.pdb_format_compatible           Y 
# 
_pdbx_database_related.db_name        EMDB 
_pdbx_database_related.details        'Cryo-EM of self-assembling pyrene peptide with Ca2+' 
_pdbx_database_related.db_id          EMD-40061 
_pdbx_database_related.content_type   'associated EM volume' 
# 
_pdbx_contact_author.id                 2 
_pdbx_contact_author.email              fw2@uab.edu 
_pdbx_contact_author.name_first         Fengbin 
_pdbx_contact_author.name_last          Wang 
_pdbx_contact_author.name_mi            ? 
_pdbx_contact_author.role               'principal investigator/group leader' 
_pdbx_contact_author.identifier_ORCID   0000-0003-1008-663X 
# 
loop_
_audit_author.name 
_audit_author.pdbx_ordinal 
_audit_author.identifier_ORCID 
'Rich-New, S.T.' 1 0000-0002-2380-0778 
'Guo, J.'        2 ?                   
'Xu, B.'         3 ?                   
'Wang, F.'       4 0000-0003-1008-663X 
# 
_citation.abstract                  ? 
_citation.abstract_id_CAS           ? 
_citation.book_id_ISBN              ? 
_citation.book_publisher            ? 
_citation.book_publisher_city       ? 
_citation.book_title                ? 
_citation.coordinate_linkage        ? 
_citation.country                   US 
_citation.database_id_Medline       ? 
_citation.details                   ? 
_citation.id                        primary 
_citation.journal_abbrev            Chem 
_citation.journal_id_ASTM           ? 
_citation.journal_id_CSD            ? 
_citation.journal_id_ISSN           2451-9294 
_citation.journal_full              ? 
_citation.journal_issue             ? 
_citation.journal_volume            9 
_citation.language                  ? 
_citation.page_first                2530 
_citation.page_last                 2546 
_citation.title                     'Hierarchical Assembly of Intrinsically Disordered Short Peptides.' 
_citation.year                      2023 
_citation.database_id_CSD           ? 
_citation.pdbx_database_id_DOI      10.1016/j.chempr.2023.04.023 
_citation.pdbx_database_id_PubMed   38094164 
_citation.pdbx_database_id_patent   ? 
_citation.unpublished_flag          ? 
# 
loop_
_citation_author.citation_id 
_citation_author.name 
_citation_author.ordinal 
_citation_author.identifier_ORCID 
primary 'Guo, J.'        1  ? 
primary 'Rich-New, S.T.' 2  ? 
primary 'Liu, C.'        3  ? 
primary 'Huang, Y.'      4  ? 
primary 'Tan, W.'        5  ? 
primary 'He, H.'         6  ? 
primary 'Yi, M.'         7  ? 
primary 'Zhang, X.'      8  ? 
primary 'Egelman, E.H.'  9  ? 
primary 'Wang, F.'       10 ? 
primary 'Xu, B.'         11 ? 
# 
_entity.id                         1 
_entity.type                       polymer 
_entity.src_method                 syn 
_entity.pdbx_description           'Pyrene peptide' 
_entity.formula_weight             1060.007 
_entity.pdbx_number_of_molecules   4 
_entity.pdbx_ec                    ? 
_entity.pdbx_mutation              ? 
_entity.pdbx_fragment              ? 
_entity.details                    ? 
# 
_entity_poly.entity_id                      1 
_entity_poly.type                           'polypeptide(L)' 
_entity_poly.nstd_linkage                   no 
_entity_poly.nstd_monomer                   yes 
_entity_poly.pdbx_seq_one_letter_code       '(OG9)YSPTSP(SEP)' 
_entity_poly.pdbx_seq_one_letter_code_can   XYSPTSPS 
_entity_poly.pdbx_strand_id                 A,B,C,D 
_entity_poly.pdbx_target_identifier         ? 
# 
loop_
_entity_poly_seq.entity_id 
_entity_poly_seq.num 
_entity_poly_seq.mon_id 
_entity_poly_seq.hetero 
1 1 OG9 n 
1 2 TYR n 
1 3 SER n 
1 4 PRO n 
1 5 THR n 
1 6 SER n 
1 7 PRO n 
1 8 SEP n 
# 
_pdbx_entity_src_syn.entity_id              1 
_pdbx_entity_src_syn.pdbx_src_id            1 
_pdbx_entity_src_syn.pdbx_alt_source_flag   sample 
_pdbx_entity_src_syn.pdbx_beg_seq_num       1 
_pdbx_entity_src_syn.pdbx_end_seq_num       8 
_pdbx_entity_src_syn.organism_scientific    'synthetic construct' 
_pdbx_entity_src_syn.organism_common_name   ? 
_pdbx_entity_src_syn.ncbi_taxonomy_id       32630 
_pdbx_entity_src_syn.details                ? 
# 
loop_
_chem_comp.id 
_chem_comp.type 
_chem_comp.mon_nstd_flag 
_chem_comp.name 
_chem_comp.pdbx_synonyms 
_chem_comp.formula 
_chem_comp.formula_weight 
OG9 non-polymer         . '(pyren-1-yl)acetic acid' ?               'C18 H12 O2'   260.287 
PRO 'L-peptide linking' y PROLINE                   ?               'C5 H9 N O2'   115.130 
SEP 'L-peptide linking' n PHOSPHOSERINE             PHOSPHONOSERINE 'C3 H8 N O6 P' 185.072 
SER 'L-peptide linking' y SERINE                    ?               'C3 H7 N O3'   105.093 
THR 'L-peptide linking' y THREONINE                 ?               'C4 H9 N O3'   119.119 
TYR 'L-peptide linking' y TYROSINE                  ?               'C9 H11 N O3'  181.189 
# 
loop_
_pdbx_poly_seq_scheme.asym_id 
_pdbx_poly_seq_scheme.entity_id 
_pdbx_poly_seq_scheme.seq_id 
_pdbx_poly_seq_scheme.mon_id 
_pdbx_poly_seq_scheme.ndb_seq_num 
_pdbx_poly_seq_scheme.pdb_seq_num 
_pdbx_poly_seq_scheme.auth_seq_num 
_pdbx_poly_seq_scheme.pdb_mon_id 
_pdbx_poly_seq_scheme.auth_mon_id 
_pdbx_poly_seq_scheme.pdb_strand_id 
_pdbx_poly_seq_scheme.pdb_ins_code 
_pdbx_poly_seq_scheme.hetero 
A 1 1 OG9 1 1 1 OG9 PYT A . n 
A 1 2 TYR 2 2 2 TYR TYR A . n 
A 1 3 SER 3 3 3 SER SER A . n 
A 1 4 PRO 4 4 4 PRO PRO A . n 
A 1 5 THR 5 5 5 THR THR A . n 
A 1 6 SER 6 6 ? ?   ?   A . n 
A 1 7 PRO 7 7 ? ?   ?   A . n 
A 1 8 SEP 8 8 ? ?   ?   A . n 
B 1 1 OG9 1 1 1 OG9 PYT B . n 
B 1 2 TYR 2 2 2 TYR TYR B . n 
B 1 3 SER 3 3 3 SER SER B . n 
B 1 4 PRO 4 4 4 PRO PRO B . n 
B 1 5 THR 5 5 5 THR THR B . n 
B 1 6 SER 6 6 6 SER SER B . n 
B 1 7 PRO 7 7 ? ?   ?   B . n 
B 1 8 SEP 8 8 ? ?   ?   B . n 
C 1 1 OG9 1 1 1 OG9 PYT C . n 
C 1 2 TYR 2 2 2 TYR TYR C . n 
C 1 3 SER 3 3 3 SER SER C . n 
C 1 4 PRO 4 4 4 PRO PRO C . n 
C 1 5 THR 5 5 5 THR THR C . n 
C 1 6 SER 6 6 ? ?   ?   C . n 
C 1 7 PRO 7 7 ? ?   ?   C . n 
C 1 8 SEP 8 8 ? ?   ?   C . n 
D 1 1 OG9 1 1 1 OG9 PYT D . n 
D 1 2 TYR 2 2 2 TYR TYR D . n 
D 1 3 SER 3 3 ? ?   ?   D . n 
D 1 4 PRO 4 4 ? ?   ?   D . n 
D 1 5 THR 5 5 ? ?   ?   D . n 
D 1 6 SER 6 6 ? ?   ?   D . n 
D 1 7 PRO 7 7 ? ?   ?   D . n 
D 1 8 SEP 8 8 ? ?   ?   D . n 
# 
_software.citation_id            ? 
_software.classification         refinement 
_software.compiler_name          ? 
_software.compiler_version       ? 
_software.contact_author         ? 
_software.contact_author_email   ? 
_software.date                   ? 
_software.description            ? 
_software.dependencies           ? 
_software.hardware               ? 
_software.language               ? 
_software.location               ? 
_software.mods                   ? 
_software.name                   PHENIX 
_software.os                     ? 
_software.os_version             ? 
_software.type                   ? 
_software.version                1.18.2_3874: 
_software.pdbx_ordinal           1 
# 
_exptl.absorpt_coefficient_mu     ? 
_exptl.absorpt_correction_T_max   ? 
_exptl.absorpt_correction_T_min   ? 
_exptl.absorpt_correction_type    ? 
_exptl.absorpt_process_details    ? 
_exptl.entry_id                   8GI5 
_exptl.crystals_number            ? 
_exptl.details                    ? 
_exptl.method                     'ELECTRON MICROSCOPY' 
_exptl.method_details             ? 
# 
_refine.aniso_B[1][1]                            ? 
_refine.aniso_B[1][2]                            ? 
_refine.aniso_B[1][3]                            ? 
_refine.aniso_B[2][2]                            ? 
_refine.aniso_B[2][3]                            ? 
_refine.aniso_B[3][3]                            ? 
_refine.B_iso_max                                ? 
_refine.B_iso_mean                               ? 
_refine.B_iso_min                                ? 
_refine.correlation_coeff_Fo_to_Fc               ? 
_refine.correlation_coeff_Fo_to_Fc_free          ? 
_refine.details                                  ? 
_refine.diff_density_max                         ? 
_refine.diff_density_max_esd                     ? 
_refine.diff_density_min                         ? 
_refine.diff_density_min_esd                     ? 
_refine.diff_density_rms                         ? 
_refine.diff_density_rms_esd                     ? 
_refine.entry_id                                 8GI5 
_refine.pdbx_refine_id                           'ELECTRON MICROSCOPY' 
_refine.ls_abs_structure_details                 ? 
_refine.ls_abs_structure_Flack                   ? 
_refine.ls_abs_structure_Flack_esd               ? 
_refine.ls_abs_structure_Rogers                  ? 
_refine.ls_abs_structure_Rogers_esd              ? 
_refine.ls_d_res_high                            . 
_refine.ls_d_res_low                             ? 
_refine.ls_extinction_coef                       ? 
_refine.ls_extinction_coef_esd                   ? 
_refine.ls_extinction_expression                 ? 
_refine.ls_extinction_method                     ? 
_refine.ls_goodness_of_fit_all                   ? 
_refine.ls_goodness_of_fit_all_esd               ? 
_refine.ls_goodness_of_fit_obs                   ? 
_refine.ls_goodness_of_fit_obs_esd               ? 
_refine.ls_hydrogen_treatment                    ? 
_refine.ls_matrix_type                           ? 
_refine.ls_number_constraints                    ? 
_refine.ls_number_parameters                     ? 
_refine.ls_number_reflns_all                     ? 
_refine.ls_number_reflns_obs                     ? 
_refine.ls_number_reflns_R_free                  ? 
_refine.ls_number_reflns_R_work                  ? 
_refine.ls_number_restraints                     ? 
_refine.ls_percent_reflns_obs                    ? 
_refine.ls_percent_reflns_R_free                 ? 
_refine.ls_R_factor_all                          ? 
_refine.ls_R_factor_obs                          ? 
_refine.ls_R_factor_R_free                       ? 
_refine.ls_R_factor_R_free_error                 ? 
_refine.ls_R_factor_R_free_error_details         ? 
_refine.ls_R_factor_R_work                       ? 
_refine.ls_R_Fsqd_factor_obs                     ? 
_refine.ls_R_I_factor_obs                        ? 
_refine.ls_redundancy_reflns_all                 ? 
_refine.ls_redundancy_reflns_obs                 ? 
_refine.ls_restrained_S_all                      ? 
_refine.ls_restrained_S_obs                      ? 
_refine.ls_shift_over_esd_max                    ? 
_refine.ls_shift_over_esd_mean                   ? 
_refine.ls_structure_factor_coef                 ? 
_refine.ls_weighting_details                     ? 
_refine.ls_weighting_scheme                      ? 
_refine.ls_wR_factor_all                         ? 
_refine.ls_wR_factor_obs                         ? 
_refine.ls_wR_factor_R_free                      ? 
_refine.ls_wR_factor_R_work                      ? 
_refine.occupancy_max                            ? 
_refine.occupancy_min                            ? 
_refine.solvent_model_details                    ? 
_refine.solvent_model_param_bsol                 ? 
_refine.solvent_model_param_ksol                 ? 
_refine.pdbx_R_complete                          ? 
_refine.ls_R_factor_gt                           ? 
_refine.ls_goodness_of_fit_gt                    ? 
_refine.ls_goodness_of_fit_ref                   ? 
_refine.ls_shift_over_su_max                     ? 
_refine.ls_shift_over_su_max_lt                  ? 
_refine.ls_shift_over_su_mean                    ? 
_refine.ls_shift_over_su_mean_lt                 ? 
_refine.pdbx_ls_sigma_I                          ? 
_refine.pdbx_ls_sigma_F                          ? 
_refine.pdbx_ls_sigma_Fsqd                       ? 
_refine.pdbx_data_cutoff_high_absF               ? 
_refine.pdbx_data_cutoff_high_rms_absF           ? 
_refine.pdbx_data_cutoff_low_absF                ? 
_refine.pdbx_isotropic_thermal_model             ? 
_refine.pdbx_ls_cross_valid_method               ? 
_refine.pdbx_method_to_determine_struct          ? 
_refine.pdbx_starting_model                      ? 
_refine.pdbx_stereochemistry_target_values       ? 
_refine.pdbx_R_Free_selection_details            ? 
_refine.pdbx_stereochem_target_val_spec_case     ? 
_refine.pdbx_overall_ESU_R                       ? 
_refine.pdbx_overall_ESU_R_Free                  ? 
_refine.pdbx_solvent_vdw_probe_radii             ? 
_refine.pdbx_solvent_ion_probe_radii             ? 
_refine.pdbx_solvent_shrinkage_radii             ? 
_refine.pdbx_real_space_R                        ? 
_refine.pdbx_density_correlation                 ? 
_refine.pdbx_pd_number_of_powder_patterns        ? 
_refine.pdbx_pd_number_of_points                 ? 
_refine.pdbx_pd_meas_number_of_points            ? 
_refine.pdbx_pd_proc_ls_prof_R_factor            ? 
_refine.pdbx_pd_proc_ls_prof_wR_factor           ? 
_refine.pdbx_pd_Marquardt_correlation_coeff      ? 
_refine.pdbx_pd_Fsqrd_R_factor                   ? 
_refine.pdbx_pd_ls_matrix_band_width             ? 
_refine.pdbx_overall_phase_error                 ? 
_refine.pdbx_overall_SU_R_free_Cruickshank_DPI   ? 
_refine.pdbx_overall_SU_R_free_Blow_DPI          ? 
_refine.pdbx_overall_SU_R_Blow_DPI               ? 
_refine.pdbx_TLS_residual_ADP_flag               ? 
_refine.pdbx_diffrn_id                           ? 
_refine.overall_SU_B                             ? 
_refine.overall_SU_ML                            ? 
_refine.overall_SU_R_Cruickshank_DPI             ? 
_refine.overall_SU_R_free                        ? 
_refine.overall_FOM_free_R_set                   ? 
_refine.overall_FOM_work_R_set                   ? 
_refine.pdbx_average_fsc_overall                 ? 
_refine.pdbx_average_fsc_work                    ? 
_refine.pdbx_average_fsc_free                    ? 
# 
loop_
_refine_ls_restr.pdbx_refine_id 
_refine_ls_restr.criterion 
_refine_ls_restr.dev_ideal 
_refine_ls_restr.dev_ideal_target 
_refine_ls_restr.number 
_refine_ls_restr.rejects 
_refine_ls_restr.type 
_refine_ls_restr.weight 
_refine_ls_restr.pdbx_restraint_function 
'ELECTRON MICROSCOPY' ? 0.002  ? 3344 ? f_bond_d           ? ? 
'ELECTRON MICROSCOPY' ? 0.764  ? 4768 ? f_angle_d          ? ? 
'ELECTRON MICROSCOPY' ? 51.643 ? 416  ? f_dihedral_angle_d ? ? 
'ELECTRON MICROSCOPY' ? 0.031  ? 272  ? f_chiral_restr     ? ? 
'ELECTRON MICROSCOPY' ? 0.010  ? 400  ? f_plane_restr      ? ? 
# 
_struct.entry_id                     8GI5 
_struct.title                        'Cryo-EM of self-assembling pyrene peptide with Ca2+' 
_struct.pdbx_model_details           ? 
_struct.pdbx_formula_weight          ? 
_struct.pdbx_formula_weight_method   ? 
_struct.pdbx_model_type_details      ? 
_struct.pdbx_CASP_flag               N 
# 
_struct_keywords.entry_id        8GI5 
_struct_keywords.text            'peptides, nanofibers, self-assembly peptide filament, PROTEIN FIBRIL' 
_struct_keywords.pdbx_keywords   'PROTEIN FIBRIL' 
# 
loop_
_struct_asym.id 
_struct_asym.pdbx_blank_PDB_chainid_flag 
_struct_asym.pdbx_modified 
_struct_asym.entity_id 
_struct_asym.details 
A N N 1 ? 
B N N 1 ? 
C N N 1 ? 
D N N 1 ? 
# 
_struct_ref.id                         1 
_struct_ref.db_name                    PDB 
_struct_ref.db_code                    8GI5 
_struct_ref.pdbx_db_accession          8GI5 
_struct_ref.pdbx_db_isoform            ? 
_struct_ref.entity_id                  1 
_struct_ref.pdbx_seq_one_letter_code   ? 
_struct_ref.pdbx_align_begin           1 
# 
loop_
_struct_ref_seq.align_id 
_struct_ref_seq.ref_id 
_struct_ref_seq.pdbx_PDB_id_code 
_struct_ref_seq.pdbx_strand_id 
_struct_ref_seq.seq_align_beg 
_struct_ref_seq.pdbx_seq_align_beg_ins_code 
_struct_ref_seq.seq_align_end 
_struct_ref_seq.pdbx_seq_align_end_ins_code 
_struct_ref_seq.pdbx_db_accession 
_struct_ref_seq.db_align_beg 
_struct_ref_seq.pdbx_db_align_beg_ins_code 
_struct_ref_seq.db_align_end 
_struct_ref_seq.pdbx_db_align_end_ins_code 
_struct_ref_seq.pdbx_auth_seq_align_beg 
_struct_ref_seq.pdbx_auth_seq_align_end 
1 1 8GI5 A 1 ? 8 ? 8GI5 1 ? 8 ? 1 8 
2 1 8GI5 B 1 ? 8 ? 8GI5 1 ? 8 ? 1 8 
3 1 8GI5 C 1 ? 8 ? 8GI5 1 ? 8 ? 1 8 
4 1 8GI5 D 1 ? 8 ? 8GI5 1 ? 8 ? 1 8 
# 
_pdbx_struct_assembly.id                   1 
_pdbx_struct_assembly.details              author_defined_assembly 
_pdbx_struct_assembly.method_details       ? 
_pdbx_struct_assembly.oligomeric_details   tetrameric 
_pdbx_struct_assembly.oligomeric_count     4 
# 
_pdbx_struct_assembly_gen.assembly_id       1 
_pdbx_struct_assembly_gen.oper_expression   1 
_pdbx_struct_assembly_gen.asym_id_list      A,B,C,D 
# 
_pdbx_struct_assembly_auth_evidence.id                     1 
_pdbx_struct_assembly_auth_evidence.assembly_id            1 
_pdbx_struct_assembly_auth_evidence.experimental_support   microscopy 
_pdbx_struct_assembly_auth_evidence.details                ? 
# 
_pdbx_struct_oper_list.id                   1 
_pdbx_struct_oper_list.type                 'identity operation' 
_pdbx_struct_oper_list.name                 1_555 
_pdbx_struct_oper_list.symmetry_operation   ? 
_pdbx_struct_oper_list.matrix[1][1]         1.0000000000 
_pdbx_struct_oper_list.matrix[1][2]         0.0000000000 
_pdbx_struct_oper_list.matrix[1][3]         0.0000000000 
_pdbx_struct_oper_list.vector[1]            0.0000000000 
_pdbx_struct_oper_list.matrix[2][1]         0.0000000000 
_pdbx_struct_oper_list.matrix[2][2]         1.0000000000 
_pdbx_struct_oper_list.matrix[2][3]         0.0000000000 
_pdbx_struct_oper_list.vector[2]            0.0000000000 
_pdbx_struct_oper_list.matrix[3][1]         0.0000000000 
_pdbx_struct_oper_list.matrix[3][2]         0.0000000000 
_pdbx_struct_oper_list.matrix[3][3]         1.0000000000 
_pdbx_struct_oper_list.vector[3]            0.0000000000 
# 
loop_
_struct_conn.id 
_struct_conn.conn_type_id 
_struct_conn.pdbx_leaving_atom_flag 
_struct_conn.pdbx_PDB_id 
_struct_conn.ptnr1_label_asym_id 
_struct_conn.ptnr1_label_comp_id 
_struct_conn.ptnr1_label_seq_id 
_struct_conn.ptnr1_label_atom_id 
_struct_conn.pdbx_ptnr1_label_alt_id 
_struct_conn.pdbx_ptnr1_PDB_ins_code 
_struct_conn.pdbx_ptnr1_standard_comp_id 
_struct_conn.ptnr1_symmetry 
_struct_conn.ptnr2_label_asym_id 
_struct_conn.ptnr2_label_comp_id 
_struct_conn.ptnr2_label_seq_id 
_struct_conn.ptnr2_label_atom_id 
_struct_conn.pdbx_ptnr2_label_alt_id 
_struct_conn.pdbx_ptnr2_PDB_ins_code 
_struct_conn.ptnr1_auth_asym_id 
_struct_conn.ptnr1_auth_comp_id 
_struct_conn.ptnr1_auth_seq_id 
_struct_conn.ptnr2_auth_asym_id 
_struct_conn.ptnr2_auth_comp_id 
_struct_conn.ptnr2_auth_seq_id 
_struct_conn.ptnr2_symmetry 
_struct_conn.pdbx_ptnr3_label_atom_id 
_struct_conn.pdbx_ptnr3_label_seq_id 
_struct_conn.pdbx_ptnr3_label_comp_id 
_struct_conn.pdbx_ptnr3_label_asym_id 
_struct_conn.pdbx_ptnr3_label_alt_id 
_struct_conn.pdbx_ptnr3_PDB_ins_code 
_struct_conn.details 
_struct_conn.pdbx_dist_value 
_struct_conn.pdbx_value_order 
_struct_conn.pdbx_role 
covale1 covale both ? A OG9 1 C ? ? ? 1_555 A TYR 2 N ? ? A OG9 1 A TYR 2 1_555 ? ? ? ? ? ? ? 1.329 ? ? 
covale2 covale both ? B OG9 1 C ? ? ? 1_555 B TYR 2 N ? ? B OG9 1 B TYR 2 1_555 ? ? ? ? ? ? ? 1.329 ? ? 
covale3 covale both ? C OG9 1 C ? ? ? 1_555 C TYR 2 N ? ? C OG9 1 C TYR 2 1_555 ? ? ? ? ? ? ? 1.328 ? ? 
covale4 covale both ? D OG9 1 C ? ? ? 1_555 D TYR 2 N ? ? D OG9 1 D TYR 2 1_555 ? ? ? ? ? ? ? 1.329 ? ? 
# 
_struct_conn_type.id          covale 
_struct_conn_type.criteria    ? 
_struct_conn_type.reference   ? 
# 
loop_
_pdbx_modification_feature.ordinal 
_pdbx_modification_feature.label_comp_id 
_pdbx_modification_feature.label_asym_id 
_pdbx_modification_feature.label_seq_id 
_pdbx_modification_feature.label_alt_id 
_pdbx_modification_feature.modified_residue_label_comp_id 
_pdbx_modification_feature.modified_residue_label_asym_id 
_pdbx_modification_feature.modified_residue_label_seq_id 
_pdbx_modification_feature.modified_residue_label_alt_id 
_pdbx_modification_feature.auth_comp_id 
_pdbx_modification_feature.auth_asym_id 
_pdbx_modification_feature.auth_seq_id 
_pdbx_modification_feature.PDB_ins_code 
_pdbx_modification_feature.symmetry 
_pdbx_modification_feature.modified_residue_auth_comp_id 
_pdbx_modification_feature.modified_residue_auth_asym_id 
_pdbx_modification_feature.modified_residue_auth_seq_id 
_pdbx_modification_feature.modified_residue_PDB_ins_code 
_pdbx_modification_feature.modified_residue_symmetry 
_pdbx_modification_feature.comp_id_linking_atom 
_pdbx_modification_feature.modified_residue_id_linking_atom 
_pdbx_modification_feature.modified_residue_id 
_pdbx_modification_feature.ref_pcm_id 
_pdbx_modification_feature.ref_comp_id 
_pdbx_modification_feature.type 
_pdbx_modification_feature.category 
1 OG9 A 1 ? . . . . OG9 A 1 ? 1_555 . . . . . . . ? 1 OG9 None 'Non-standard residue' 
2 OG9 B 1 ? . . . . OG9 B 1 ? 1_555 . . . . . . . ? 1 OG9 None 'Non-standard residue' 
3 OG9 C 1 ? . . . . OG9 C 1 ? 1_555 . . . . . . . ? 1 OG9 None 'Non-standard residue' 
4 OG9 D 1 ? . . . . OG9 D 1 ? 1_555 . . . . . . . ? 1 OG9 None 'Non-standard residue' 
# 
_pdbx_entry_details.entry_id                   8GI5 
_pdbx_entry_details.nonpolymer_details         ? 
_pdbx_entry_details.sequence_details           ? 
_pdbx_entry_details.compound_details           ? 
_pdbx_entry_details.source_details             ? 
_pdbx_entry_details.has_ligand_of_interest     Y 
_pdbx_entry_details.has_protein_modification   Y 
# 
_pdbx_validate_torsion.id              1 
_pdbx_validate_torsion.PDB_model_num   1 
_pdbx_validate_torsion.auth_comp_id    SER 
_pdbx_validate_torsion.auth_asym_id    C 
_pdbx_validate_torsion.auth_seq_id     3 
_pdbx_validate_torsion.PDB_ins_code    ? 
_pdbx_validate_torsion.label_alt_id    ? 
_pdbx_validate_torsion.phi             -153.04 
_pdbx_validate_torsion.psi             80.72 
# 
_em_3d_fitting.id                1 
_em_3d_fitting.entry_id          8GI5 
_em_3d_fitting.method            ? 
_em_3d_fitting.target_criteria   ? 
_em_3d_fitting.details           ? 
_em_3d_fitting.overall_b_value   ? 
_em_3d_fitting.ref_space         ? 
_em_3d_fitting.ref_protocol      ? 
# 
_em_3d_reconstruction.entry_id                    8GI5 
_em_3d_reconstruction.id                          1 
_em_3d_reconstruction.method                      ? 
_em_3d_reconstruction.algorithm                   ? 
_em_3d_reconstruction.citation_id                 ? 
_em_3d_reconstruction.details                     ? 
_em_3d_reconstruction.resolution                  3.0 
_em_3d_reconstruction.resolution_method           'FSC 0.143 CUT-OFF' 
_em_3d_reconstruction.magnification_calibration   ? 
_em_3d_reconstruction.nominal_pixel_size          ? 
_em_3d_reconstruction.actual_pixel_size           ? 
_em_3d_reconstruction.num_particles               1380792 
_em_3d_reconstruction.euler_angles_details        ? 
_em_3d_reconstruction.num_class_averages          ? 
_em_3d_reconstruction.refinement_type             ? 
_em_3d_reconstruction.image_processing_id         1 
_em_3d_reconstruction.symmetry_type               HELICAL 
# 
_em_buffer.id            1 
_em_buffer.specimen_id   1 
_em_buffer.name          ? 
_em_buffer.details       ? 
_em_buffer.pH            7.4 
# 
_em_entity_assembly.id                   1 
_em_entity_assembly.parent_id            0 
_em_entity_assembly.source               SYNTHETIC 
_em_entity_assembly.type                 COMPLEX 
_em_entity_assembly.name                 'Pyrene peptide with Ca2+' 
_em_entity_assembly.details              ? 
_em_entity_assembly.synonym              ? 
_em_entity_assembly.oligomeric_details   ? 
_em_entity_assembly.entity_id_list       1 
# 
_em_imaging.entry_id                        8GI5 
_em_imaging.id                              1 
_em_imaging.astigmatism                     ? 
_em_imaging.electron_beam_tilt_params       ? 
_em_imaging.residual_tilt                   ? 
_em_imaging.microscope_model                'FEI TITAN KRIOS' 
_em_imaging.specimen_holder_type            ? 
_em_imaging.specimen_holder_model           ? 
_em_imaging.details                         ? 
_em_imaging.date                            ? 
_em_imaging.accelerating_voltage            300 
_em_imaging.illumination_mode               'FLOOD BEAM' 
_em_imaging.mode                            'BRIGHT FIELD' 
_em_imaging.nominal_cs                      ? 
_em_imaging.nominal_defocus_min             1000 
_em_imaging.nominal_defocus_max             2000 
_em_imaging.calibrated_defocus_min          ? 
_em_imaging.calibrated_defocus_max          ? 
_em_imaging.tilt_angle_min                  ? 
_em_imaging.tilt_angle_max                  ? 
_em_imaging.nominal_magnification           ? 
_em_imaging.calibrated_magnification        ? 
_em_imaging.electron_source                 'FIELD EMISSION GUN' 
_em_imaging.citation_id                     ? 
_em_imaging.temperature                     ? 
_em_imaging.detector_distance               ? 
_em_imaging.recording_temperature_minimum   ? 
_em_imaging.recording_temperature_maximum   ? 
_em_imaging.alignment_procedure             ? 
_em_imaging.c2_aperture_diameter            ? 
_em_imaging.specimen_id                     1 
_em_imaging.cryogen                         ? 
# 
_em_vitrification.entry_id              8GI5 
_em_vitrification.id                    1 
_em_vitrification.specimen_id           1 
_em_vitrification.cryogen_name          ETHANE 
_em_vitrification.humidity              ? 
_em_vitrification.temp                  ? 
_em_vitrification.chamber_temperature   ? 
_em_vitrification.instrument            'LEICA EM GP' 
_em_vitrification.method                ? 
_em_vitrification.time_resolved_state   ? 
_em_vitrification.citation_id           ? 
_em_vitrification.details               ? 
# 
_em_experiment.entry_id                8GI5 
_em_experiment.id                      1 
_em_experiment.reconstruction_method   HELICAL 
_em_experiment.aggregation_state       FILAMENT 
_em_experiment.entity_assembly_id      1 
# 
loop_
_pdbx_unobs_or_zero_occ_residues.id 
_pdbx_unobs_or_zero_occ_residues.PDB_model_num 
_pdbx_unobs_or_zero_occ_residues.polymer_flag 
_pdbx_unobs_or_zero_occ_residues.occupancy_flag 
_pdbx_unobs_or_zero_occ_residues.auth_asym_id 
_pdbx_unobs_or_zero_occ_residues.auth_comp_id 
_pdbx_unobs_or_zero_occ_residues.auth_seq_id 
_pdbx_unobs_or_zero_occ_residues.PDB_ins_code 
_pdbx_unobs_or_zero_occ_residues.label_asym_id 
_pdbx_unobs_or_zero_occ_residues.label_comp_id 
_pdbx_unobs_or_zero_occ_residues.label_seq_id 
1  1 Y 1 A SER 6 ? A SER 6 
2  1 Y 1 A PRO 7 ? A PRO 7 
3  1 Y 1 A SEP 8 ? A SEP 8 
4  1 Y 1 B PRO 7 ? B PRO 7 
5  1 Y 1 B SEP 8 ? B SEP 8 
6  1 Y 1 C SER 6 ? C SER 6 
7  1 Y 1 C PRO 7 ? C PRO 7 
8  1 Y 1 C SEP 8 ? C SEP 8 
9  1 Y 1 D SER 3 ? D SER 3 
10 1 Y 1 D PRO 4 ? D PRO 4 
11 1 Y 1 D THR 5 ? D THR 5 
12 1 Y 1 D SER 6 ? D SER 6 
13 1 Y 1 D PRO 7 ? D PRO 7 
14 1 Y 1 D SEP 8 ? D SEP 8 
# 
loop_
_chem_comp_atom.comp_id 
_chem_comp_atom.atom_id 
_chem_comp_atom.type_symbol 
_chem_comp_atom.pdbx_aromatic_flag 
_chem_comp_atom.pdbx_stereo_config 
_chem_comp_atom.pdbx_ordinal 
OG9 CA   C N N 1   
OG9 C    C N N 2   
OG9 O    O N N 3   
OG9 C05  C Y N 4   
OG9 C06  C Y N 5   
OG9 C07  C Y N 6   
OG9 C08  C Y N 7   
OG9 C09  C Y N 8   
OG9 C10  C Y N 9   
OG9 C11  C Y N 10  
OG9 C12  C Y N 11  
OG9 C13  C Y N 12  
OG9 C14  C Y N 13  
OG9 C15  C Y N 14  
OG9 C16  C Y N 15  
OG9 C17  C Y N 16  
OG9 C18  C Y N 17  
OG9 C19  C Y N 18  
OG9 C20  C Y N 19  
OG9 H1   H N N 20  
OG9 H2   H N N 21  
OG9 H4   H N N 22  
OG9 H5   H N N 23  
OG9 H6   H N N 24  
OG9 H7   H N N 25  
OG9 H8   H N N 26  
OG9 H9   H N N 27  
OG9 H10  H N N 28  
OG9 H11  H N N 29  
OG9 H12  H N N 30  
OG9 O1   O N N 31  
OG9 H3   H N N 32  
PRO N    N N N 33  
PRO CA   C N S 34  
PRO C    C N N 35  
PRO O    O N N 36  
PRO CB   C N N 37  
PRO CG   C N N 38  
PRO CD   C N N 39  
PRO OXT  O N N 40  
PRO H    H N N 41  
PRO HA   H N N 42  
PRO HB2  H N N 43  
PRO HB3  H N N 44  
PRO HG2  H N N 45  
PRO HG3  H N N 46  
PRO HD2  H N N 47  
PRO HD3  H N N 48  
PRO HXT  H N N 49  
SEP N    N N N 50  
SEP CA   C N S 51  
SEP CB   C N N 52  
SEP OG   O N N 53  
SEP C    C N N 54  
SEP O    O N N 55  
SEP OXT  O N N 56  
SEP P    P N N 57  
SEP O1P  O N N 58  
SEP O2P  O N N 59  
SEP O3P  O N N 60  
SEP H    H N N 61  
SEP H2   H N N 62  
SEP HA   H N N 63  
SEP HB2  H N N 64  
SEP HB3  H N N 65  
SEP HXT  H N N 66  
SEP HOP2 H N N 67  
SEP HOP3 H N N 68  
SER N    N N N 69  
SER CA   C N S 70  
SER C    C N N 71  
SER O    O N N 72  
SER CB   C N N 73  
SER OG   O N N 74  
SER OXT  O N N 75  
SER H    H N N 76  
SER H2   H N N 77  
SER HA   H N N 78  
SER HB2  H N N 79  
SER HB3  H N N 80  
SER HG   H N N 81  
SER HXT  H N N 82  
THR N    N N N 83  
THR CA   C N S 84  
THR C    C N N 85  
THR O    O N N 86  
THR CB   C N R 87  
THR OG1  O N N 88  
THR CG2  C N N 89  
THR OXT  O N N 90  
THR H    H N N 91  
THR H2   H N N 92  
THR HA   H N N 93  
THR HB   H N N 94  
THR HG1  H N N 95  
THR HG21 H N N 96  
THR HG22 H N N 97  
THR HG23 H N N 98  
THR HXT  H N N 99  
TYR N    N N N 100 
TYR CA   C N S 101 
TYR C    C N N 102 
TYR O    O N N 103 
TYR CB   C N N 104 
TYR CG   C Y N 105 
TYR CD1  C Y N 106 
TYR CD2  C Y N 107 
TYR CE1  C Y N 108 
TYR CE2  C Y N 109 
TYR CZ   C Y N 110 
TYR OH   O N N 111 
TYR OXT  O N N 112 
TYR H    H N N 113 
TYR H2   H N N 114 
TYR HA   H N N 115 
TYR HB2  H N N 116 
TYR HB3  H N N 117 
TYR HD1  H N N 118 
TYR HD2  H N N 119 
TYR HE1  H N N 120 
TYR HE2  H N N 121 
TYR HH   H N N 122 
TYR HXT  H N N 123 
# 
loop_
_chem_comp_bond.comp_id 
_chem_comp_bond.atom_id_1 
_chem_comp_bond.atom_id_2 
_chem_comp_bond.value_order 
_chem_comp_bond.pdbx_aromatic_flag 
_chem_comp_bond.pdbx_stereo_config 
_chem_comp_bond.pdbx_ordinal 
OG9 CA  C    sing N N 1   
OG9 CA  C05  sing N N 2   
OG9 C   O    doub N N 3   
OG9 C19 C20  doub Y N 4   
OG9 C19 C18  sing Y N 5   
OG9 C05 C18  doub Y N 6   
OG9 C05 C06  sing Y N 7   
OG9 C20 C15  sing Y N 8   
OG9 C18 C17  sing Y N 9   
OG9 C06 C07  doub Y N 10  
OG9 C15 C14  doub Y N 11  
OG9 C15 C16  sing Y N 12  
OG9 C17 C16  doub Y N 13  
OG9 C17 C08  sing Y N 14  
OG9 C14 C13  sing Y N 15  
OG9 C07 C08  sing Y N 16  
OG9 C16 C11  sing Y N 17  
OG9 C08 C09  doub Y N 18  
OG9 C13 C12  doub Y N 19  
OG9 C11 C12  sing Y N 20  
OG9 C11 C10  doub Y N 21  
OG9 C09 C10  sing Y N 22  
OG9 CA  H1   sing N N 23  
OG9 CA  H2   sing N N 24  
OG9 C06 H4   sing N N 25  
OG9 C07 H5   sing N N 26  
OG9 C09 H6   sing N N 27  
OG9 C10 H7   sing N N 28  
OG9 C12 H8   sing N N 29  
OG9 C13 H9   sing N N 30  
OG9 C14 H10  sing N N 31  
OG9 C19 H11  sing N N 32  
OG9 C20 H12  sing N N 33  
OG9 C   O1   sing N N 34  
OG9 O1  H3   sing N N 35  
PRO N   CA   sing N N 36  
PRO N   CD   sing N N 37  
PRO N   H    sing N N 38  
PRO CA  C    sing N N 39  
PRO CA  CB   sing N N 40  
PRO CA  HA   sing N N 41  
PRO C   O    doub N N 42  
PRO C   OXT  sing N N 43  
PRO CB  CG   sing N N 44  
PRO CB  HB2  sing N N 45  
PRO CB  HB3  sing N N 46  
PRO CG  CD   sing N N 47  
PRO CG  HG2  sing N N 48  
PRO CG  HG3  sing N N 49  
PRO CD  HD2  sing N N 50  
PRO CD  HD3  sing N N 51  
PRO OXT HXT  sing N N 52  
SEP N   CA   sing N N 53  
SEP N   H    sing N N 54  
SEP N   H2   sing N N 55  
SEP CA  CB   sing N N 56  
SEP CA  C    sing N N 57  
SEP CA  HA   sing N N 58  
SEP CB  OG   sing N N 59  
SEP CB  HB2  sing N N 60  
SEP CB  HB3  sing N N 61  
SEP OG  P    sing N N 62  
SEP C   O    doub N N 63  
SEP C   OXT  sing N N 64  
SEP OXT HXT  sing N N 65  
SEP P   O1P  doub N N 66  
SEP P   O2P  sing N N 67  
SEP P   O3P  sing N N 68  
SEP O2P HOP2 sing N N 69  
SEP O3P HOP3 sing N N 70  
SER N   CA   sing N N 71  
SER N   H    sing N N 72  
SER N   H2   sing N N 73  
SER CA  C    sing N N 74  
SER CA  CB   sing N N 75  
SER CA  HA   sing N N 76  
SER C   O    doub N N 77  
SER C   OXT  sing N N 78  
SER CB  OG   sing N N 79  
SER CB  HB2  sing N N 80  
SER CB  HB3  sing N N 81  
SER OG  HG   sing N N 82  
SER OXT HXT  sing N N 83  
THR N   CA   sing N N 84  
THR N   H    sing N N 85  
THR N   H2   sing N N 86  
THR CA  C    sing N N 87  
THR CA  CB   sing N N 88  
THR CA  HA   sing N N 89  
THR C   O    doub N N 90  
THR C   OXT  sing N N 91  
THR CB  OG1  sing N N 92  
THR CB  CG2  sing N N 93  
THR CB  HB   sing N N 94  
THR OG1 HG1  sing N N 95  
THR CG2 HG21 sing N N 96  
THR CG2 HG22 sing N N 97  
THR CG2 HG23 sing N N 98  
THR OXT HXT  sing N N 99  
TYR N   CA   sing N N 100 
TYR N   H    sing N N 101 
TYR N   H2   sing N N 102 
TYR CA  C    sing N N 103 
TYR CA  CB   sing N N 104 
TYR CA  HA   sing N N 105 
TYR C   O    doub N N 106 
TYR C   OXT  sing N N 107 
TYR CB  CG   sing N N 108 
TYR CB  HB2  sing N N 109 
TYR CB  HB3  sing N N 110 
TYR CG  CD1  doub Y N 111 
TYR CG  CD2  sing Y N 112 
TYR CD1 CE1  sing Y N 113 
TYR CD1 HD1  sing N N 114 
TYR CD2 CE2  doub Y N 115 
TYR CD2 HD2  sing N N 116 
TYR CE1 CZ   doub Y N 117 
TYR CE1 HE1  sing N N 118 
TYR CE2 CZ   sing Y N 119 
TYR CE2 HE2  sing N N 120 
TYR CZ  OH   sing N N 121 
TYR OH  HH   sing N N 122 
TYR OXT HXT  sing N N 123 
# 
_em_admin.current_status     REL 
_em_admin.deposition_date    2023-03-13 
_em_admin.deposition_site    RCSB 
_em_admin.entry_id           8GI5 
_em_admin.last_update        2025-05-28 
_em_admin.map_release_date   2023-06-14 
_em_admin.title              'Cryo-EM of self-assembling pyrene peptide with Ca2+' 
# 
_em_ctf_correction.details                  ? 
_em_ctf_correction.em_image_processing_id   1 
_em_ctf_correction.id                       1 
_em_ctf_correction.type                     'PHASE FLIPPING AND AMPLITUDE CORRECTION' 
# 
_em_entity_assembly_naturalsource.cell                 ? 
_em_entity_assembly_naturalsource.cellular_location    ? 
_em_entity_assembly_naturalsource.entity_assembly_id   1 
_em_entity_assembly_naturalsource.id                   2 
_em_entity_assembly_naturalsource.ncbi_tax_id          32630 
_em_entity_assembly_naturalsource.organism             'synthetic construct' 
_em_entity_assembly_naturalsource.organelle            ? 
_em_entity_assembly_naturalsource.organ                ? 
_em_entity_assembly_naturalsource.strain               ? 
_em_entity_assembly_naturalsource.tissue               ? 
# 
_em_helical_entity.id                             1 
_em_helical_entity.image_processing_id            1 
_em_helical_entity.details                        ? 
_em_helical_entity.axial_symmetry                 C2 
_em_helical_entity.angular_rotation_per_subunit   -3.8 
_em_helical_entity.axial_rise_per_subunit         4.95 
# 
_em_image_processing.details              ? 
_em_image_processing.id                   1 
_em_image_processing.image_recording_id   1 
# 
_em_image_recording.average_exposure_time               ? 
_em_image_recording.avg_electron_dose_per_subtomogram   ? 
_em_image_recording.avg_electron_dose_per_image         50 
_em_image_recording.details                             ? 
_em_image_recording.detector_mode                       ? 
_em_image_recording.film_or_detector_model              'GATAN K3 (6k x 4k)' 
_em_image_recording.id                                  1 
_em_image_recording.imaging_id                          1 
_em_image_recording.num_diffraction_images              ? 
_em_image_recording.num_grids_imaged                    ? 
_em_image_recording.num_real_images                     ? 
# 
loop_
_em_software.category 
_em_software.details 
_em_software.id 
_em_software.image_processing_id 
_em_software.fitting_id 
_em_software.imaging_id 
_em_software.name 
_em_software.version 
'PARTICLE SELECTION'            ? 1  1 ? ? ?      ? 
'IMAGE ACQUISITION'             ? 2  ? ? 1 ?      ? 
MASKING                         ? 3  ? ? ? ?      ? 
'CTF CORRECTION'                ? 4  1 ? ? ?      ? 
'LAYERLINE INDEXING'            ? 5  ? ? ? ?      ? 
'DIFFRACTION INDEXING'          ? 6  ? ? ? ?      ? 
'MODEL FITTING'                 ? 7  ? ? ? ?      ? 
'MODEL REFINEMENT'              ? 8  ? ? ? PHENIX ? 
OTHER                           ? 9  ? ? ? ?      ? 
'INITIAL EULER ASSIGNMENT'      ? 10 1 ? ? ?      ? 
'FINAL EULER ASSIGNMENT'        ? 11 1 ? ? ?      ? 
CLASSIFICATION                  ? 12 1 ? ? ?      ? 
RECONSTRUCTION                  ? 13 1 ? ? ?      ? 
'VOLUME SELECTION'              ? 14 1 1 1 ?      ? 
'SERIES ALIGNMENT'              ? 15 1 1 1 ?      ? 
'MOLECULAR REPLACEMENT'         ? 16 1 1 1 ?      ? 
'LATTICE DISTORTION CORRECTION' ? 17 1 1 1 ?      ? 
'SYMMETRY DETERMINATION'        ? 18 1 1 1 ?      ? 
'CRYSTALLOGRAPHY MERGING'       ? 19 1 1 1 ?      ? 
# 
_em_specimen.concentration           ? 
_em_specimen.details                 ? 
_em_specimen.embedding_applied       NO 
_em_specimen.experiment_id           1 
_em_specimen.id                      1 
_em_specimen.shadowing_applied       NO 
_em_specimen.staining_applied        NO 
_em_specimen.vitrification_applied   YES 
# 
loop_
_pdbx_audit_support.funding_organization 
_pdbx_audit_support.country 
_pdbx_audit_support.grant_number 
_pdbx_audit_support.ordinal 
'National Institutes of Health/National Institute of General Medical Sciences (NIH/NIGMS)' 'United States' GM138756    1 
'National Institutes of Health/National Institute of General Medical Sciences (NIH/NIGMS)' 'United States' GM122510    2 
'National Institutes of Health/National Cancer Institute (NIH/NCI)'                        'United States' CA142746    3 
'National Science Foundation (NSF, United States)'                                         'United States' DMR-2011846 4 
# 
_atom_sites.entry_id                    8GI5 
_atom_sites.Cartn_transf_matrix[1][1]   ? 
_atom_sites.Cartn_transf_matrix[1][2]   ? 
_atom_sites.Cartn_transf_matrix[1][3]   ? 
_atom_sites.Cartn_transf_matrix[2][1]   ? 
_atom_sites.Cartn_transf_matrix[2][2]   ? 
_atom_sites.Cartn_transf_matrix[2][3]   ? 
_atom_sites.Cartn_transf_matrix[3][1]   ? 
_atom_sites.Cartn_transf_matrix[3][2]   ? 
_atom_sites.Cartn_transf_matrix[3][3]   ? 
_atom_sites.Cartn_transf_vector[1]      ? 
_atom_sites.Cartn_transf_vector[2]      ? 
_atom_sites.Cartn_transf_vector[3]      ? 
_atom_sites.fract_transf_matrix[1][1]   1.000000 
_atom_sites.fract_transf_matrix[1][2]   0.000000 
_atom_sites.fract_transf_matrix[1][3]   0.000000 
_atom_sites.fract_transf_matrix[2][1]   0.000000 
_atom_sites.fract_transf_matrix[2][2]   1.000000 
_atom_sites.fract_transf_matrix[2][3]   0.000000 
_atom_sites.fract_transf_matrix[3][1]   0.000000 
_atom_sites.fract_transf_matrix[3][2]   0.000000 
_atom_sites.fract_transf_matrix[3][3]   1.000000 
_atom_sites.fract_transf_vector[1]      0.00000 
_atom_sites.fract_transf_vector[2]      0.00000 
_atom_sites.fract_transf_vector[3]      0.00000 
_atom_sites.solution_primary            ? 
_atom_sites.solution_secondary          ? 
_atom_sites.solution_hydrogens          ? 
_atom_sites.special_details             ? 
# 
loop_
_atom_type.symbol 
C 
N 
O 
# 
loop_
_atom_site.group_PDB 
_atom_site.id 
_atom_site.type_symbol 
_atom_site.label_atom_id 
_atom_site.label_alt_id 
_atom_site.label_comp_id 
_atom_site.label_asym_id 
_atom_site.label_entity_id 
_atom_site.label_seq_id 
_atom_site.pdbx_PDB_ins_code 
_atom_site.Cartn_x 
_atom_site.Cartn_y 
_atom_site.Cartn_z 
_atom_site.occupancy 
_atom_site.B_iso_or_equiv 
_atom_site.pdbx_formal_charge 
_atom_site.auth_seq_id 
_atom_site.auth_comp_id 
_atom_site.auth_asym_id 
_atom_site.auth_atom_id 
_atom_site.pdbx_PDB_model_num 
HETATM 1   C CA  . OG9 A 1 1 ? -2.623  -9.049  2.612  1.00 55.71 ? 1 OG9 A CA  1 
HETATM 2   C C   . OG9 A 1 1 ? -2.544  -10.528 2.981  1.00 55.71 ? 1 OG9 A C   1 
HETATM 3   O O   . OG9 A 1 1 ? -1.463  -11.167 2.918  1.00 55.71 ? 1 OG9 A O   1 
HETATM 4   C C05 . OG9 A 1 1 ? -1.400  -8.364  2.000  1.00 55.71 ? 1 OG9 A C05 1 
HETATM 5   C C06 . OG9 A 1 1 ? -1.485  -7.903  0.674  1.00 55.71 ? 1 OG9 A C06 1 
HETATM 6   C C07 . OG9 A 1 1 ? -0.398  -7.255  0.077  1.00 55.71 ? 1 OG9 A C07 1 
HETATM 7   C C08 . OG9 A 1 1 ? 0.801   -7.053  0.816  1.00 55.71 ? 1 OG9 A C08 1 
HETATM 8   C C09 . OG9 A 1 1 ? 1.898   -6.399  0.213  1.00 55.71 ? 1 OG9 A C09 1 
HETATM 9   C C10 . OG9 A 1 1 ? 3.059   -6.201  0.923  1.00 55.71 ? 1 OG9 A C10 1 
HETATM 10  C C11 . OG9 A 1 1 ? 3.150   -6.654  2.263  1.00 55.71 ? 1 OG9 A C11 1 
HETATM 11  C C12 . OG9 A 1 1 ? 4.344   -6.451  2.999  1.00 55.71 ? 1 OG9 A C12 1 
HETATM 12  C C13 . OG9 A 1 1 ? 4.436   -6.898  4.322  1.00 55.71 ? 1 OG9 A C13 1 
HETATM 13  C C14 . OG9 A 1 1 ? 3.356   -7.542  4.917  1.00 55.71 ? 1 OG9 A C14 1 
HETATM 14  C C15 . OG9 A 1 1 ? 2.158   -7.745  4.180  1.00 55.71 ? 1 OG9 A C15 1 
HETATM 15  C C16 . OG9 A 1 1 ? 2.064   -7.299  2.858  1.00 55.71 ? 1 OG9 A C16 1 
HETATM 16  C C17 . OG9 A 1 1 ? 0.890   -7.500  2.139  1.00 55.71 ? 1 OG9 A C17 1 
HETATM 17  C C18 . OG9 A 1 1 ? -0.209  -8.153  2.740  1.00 55.71 ? 1 OG9 A C18 1 
HETATM 18  C C19 . OG9 A 1 1 ? -0.110  -8.598  4.068  1.00 55.71 ? 1 OG9 A C19 1 
HETATM 19  C C20 . OG9 A 1 1 ? 1.059   -8.399  4.783  1.00 55.71 ? 1 OG9 A C20 1 
ATOM   20  N N   . TYR A 1 2 ? -3.696  -11.071 3.357  1.00 55.48 ? 2 TYR A N   1 
ATOM   21  C CA  . TYR A 1 2 ? -3.817  -12.419 3.898  1.00 55.48 ? 2 TYR A CA  1 
ATOM   22  C C   . TYR A 1 2 ? -5.005  -13.146 3.280  1.00 55.48 ? 2 TYR A C   1 
ATOM   23  O O   . TYR A 1 2 ? -6.107  -13.111 3.826  1.00 55.48 ? 2 TYR A O   1 
ATOM   24  C CB  . TYR A 1 2 ? -3.985  -12.357 5.416  1.00 55.48 ? 2 TYR A CB  1 
ATOM   25  C CG  . TYR A 1 2 ? -2.707  -12.173 6.202  1.00 55.48 ? 2 TYR A CG  1 
ATOM   26  C CD1 . TYR A 1 2 ? -1.772  -13.190 6.294  1.00 55.48 ? 2 TYR A CD1 1 
ATOM   27  C CD2 . TYR A 1 2 ? -2.427  -10.968 6.830  1.00 55.48 ? 2 TYR A CD2 1 
ATOM   28  C CE1 . TYR A 1 2 ? -0.611  -13.025 7.017  1.00 55.48 ? 2 TYR A CE1 1 
ATOM   29  C CE2 . TYR A 1 2 ? -1.266  -10.791 7.550  1.00 55.48 ? 2 TYR A CE2 1 
ATOM   30  C CZ  . TYR A 1 2 ? -0.359  -11.819 7.635  1.00 55.48 ? 2 TYR A CZ  1 
ATOM   31  O OH  . TYR A 1 2 ? 0.801   -11.641 8.350  1.00 55.48 ? 2 TYR A OH  1 
ATOM   32  N N   . SER A 1 3 ? -4.791  -13.808 2.148  1.00 54.58 ? 3 SER A N   1 
ATOM   33  C CA  . SER A 1 3 ? -5.866  -14.488 1.427  1.00 54.58 ? 3 SER A CA  1 
ATOM   34  C C   . SER A 1 3 ? -5.539  -15.969 1.292  1.00 54.58 ? 3 SER A C   1 
ATOM   35  O O   . SER A 1 3 ? -4.944  -16.386 0.282  1.00 54.58 ? 3 SER A O   1 
ATOM   36  C CB  . SER A 1 3 ? -6.084  -13.858 0.058  1.00 54.58 ? 3 SER A CB  1 
ATOM   37  O OG  . SER A 1 3 ? -4.943  -14.016 -0.764 1.00 54.58 ? 3 SER A OG  1 
ATOM   38  N N   . PRO A 1 4 ? -5.905  -16.795 2.277  1.00 59.23 ? 4 PRO A N   1 
ATOM   39  C CA  . PRO A 1 4 ? -5.609  -18.230 2.178  1.00 59.23 ? 4 PRO A CA  1 
ATOM   40  C C   . PRO A 1 4 ? -6.518  -18.951 1.198  1.00 59.23 ? 4 PRO A C   1 
ATOM   41  O O   . PRO A 1 4 ? -7.423  -18.341 0.622  1.00 59.23 ? 4 PRO A O   1 
ATOM   42  C CB  . PRO A 1 4 ? -5.843  -18.726 3.610  1.00 59.23 ? 4 PRO A CB  1 
ATOM   43  C CG  . PRO A 1 4 ? -5.633  -17.518 4.456  1.00 59.23 ? 4 PRO A CG  1 
ATOM   44  C CD  . PRO A 1 4 ? -6.257  -16.415 3.654  1.00 59.23 ? 4 PRO A CD  1 
ATOM   45  N N   . THR A 1 5 ? -6.298  -20.258 1.046  1.00 67.67 ? 5 THR A N   1 
ATOM   46  C CA  . THR A 1 5 ? -7.092  -21.142 0.185  1.00 67.67 ? 5 THR A CA  1 
ATOM   47  C C   . THR A 1 5 ? -7.598  -20.486 -1.101 1.00 67.67 ? 5 THR A C   1 
ATOM   48  O O   . THR A 1 5 ? -7.407  -21.011 -2.197 1.00 67.67 ? 5 THR A O   1 
ATOM   49  C CB  . THR A 1 5 ? -8.299  -21.711 0.952  1.00 67.67 ? 5 THR A CB  1 
ATOM   50  O OG1 . THR A 1 5 ? -7.841  -22.358 2.147  1.00 67.67 ? 5 THR A OG1 1 
ATOM   51  C CG2 . THR A 1 5 ? -9.053  -22.716 0.095  1.00 67.67 ? 5 THR A CG2 1 
HETATM 52  C CA  . OG9 B 1 1 ? 9.850   2.727   5.930  1.00 75.10 ? 1 OG9 B CA  1 
HETATM 53  C C   . OG9 B 1 1 ? 9.514   3.550   4.691  1.00 75.10 ? 1 OG9 B C   1 
HETATM 54  O O   . OG9 B 1 1 ? 10.225  3.488   3.655  1.00 75.10 ? 1 OG9 B O   1 
HETATM 55  C C05 . OG9 B 1 1 ? 10.802  1.554   5.707  1.00 75.10 ? 1 OG9 B C05 1 
HETATM 56  C C06 . OG9 B 1 1 ? 12.149  1.669   6.091  1.00 75.10 ? 1 OG9 B C06 1 
HETATM 57  C C07 . OG9 B 1 1 ? 13.031  0.598   5.901  1.00 75.10 ? 1 OG9 B C07 1 
HETATM 58  C C08 . OG9 B 1 1 ? 12.560  -0.611  5.315  1.00 75.10 ? 1 OG9 B C08 1 
HETATM 59  C C09 . OG9 B 1 1 ? 13.448  -1.693  5.120  1.00 75.10 ? 1 OG9 B C09 1 
HETATM 60  C C10 . OG9 B 1 1 ? 12.993  -2.862  4.554  1.00 75.10 ? 1 OG9 B C10 1 
HETATM 61  C C11 . OG9 B 1 1 ? 11.633  -2.981  4.170  1.00 75.10 ? 1 OG9 B C11 1 
HETATM 62  C C12 . OG9 B 1 1 ? 11.163  -4.184  3.586  1.00 75.10 ? 1 OG9 B C12 1 
HETATM 63  C C13 . OG9 B 1 1 ? 9.819   -4.302  3.205  1.00 75.10 ? 1 OG9 B C13 1 
HETATM 64  C C14 . OG9 B 1 1 ? 8.946   -3.238  3.398  1.00 75.10 ? 1 OG9 B C14 1 
HETATM 65  C C15 . OG9 B 1 1 ? 9.417   -2.029  3.981  1.00 75.10 ? 1 OG9 B C15 1 
HETATM 66  C C16 . OG9 B 1 1 ? 10.757  -1.912  4.361  1.00 75.10 ? 1 OG9 B C16 1 
HETATM 67  C C17 . OG9 B 1 1 ? 11.218  -0.730  4.934  1.00 75.10 ? 1 OG9 B C17 1 
HETATM 68  C C18 . OG9 B 1 1 ? 10.332  0.350   5.129  1.00 75.10 ? 1 OG9 B C18 1 
HETATM 69  C C19 . OG9 B 1 1 ? 8.986   0.231   4.747  1.00 75.10 ? 1 OG9 B C19 1 
HETATM 70  C C20 . OG9 B 1 1 ? 8.529   -0.946  4.175  1.00 75.10 ? 1 OG9 B C20 1 
ATOM   71  N N   . TYR B 1 2 ? 8.443   4.328   4.796  1.00 66.96 ? 2 TYR B N   1 
ATOM   72  C CA  . TYR B 1 2 ? 7.976   5.176   3.708  1.00 66.96 ? 2 TYR B CA  1 
ATOM   73  C C   . TYR B 1 2 ? 7.955   6.631   4.162  1.00 66.96 ? 2 TYR B C   1 
ATOM   74  O O   . TYR B 1 2 ? 7.041   7.052   4.871  1.00 66.96 ? 2 TYR B O   1 
ATOM   75  C CB  . TYR B 1 2 ? 6.585   4.726   3.256  1.00 66.96 ? 2 TYR B CB  1 
ATOM   76  C CG  . TYR B 1 2 ? 6.065   5.397   2.004  1.00 66.96 ? 2 TYR B CG  1 
ATOM   77  C CD1 . TYR B 1 2 ? 6.930   5.945   1.068  1.00 66.96 ? 2 TYR B CD1 1 
ATOM   78  C CD2 . TYR B 1 2 ? 4.703   5.475   1.759  1.00 66.96 ? 2 TYR B CD2 1 
ATOM   79  C CE1 . TYR B 1 2 ? 6.448   6.557   -0.074 1.00 66.96 ? 2 TYR B CE1 1 
ATOM   80  C CE2 . TYR B 1 2 ? 4.214   6.082   0.624  1.00 66.96 ? 2 TYR B CE2 1 
ATOM   81  C CZ  . TYR B 1 2 ? 5.089   6.620   -0.290 1.00 66.96 ? 2 TYR B CZ  1 
ATOM   82  O OH  . TYR B 1 2 ? 4.599   7.225   -1.423 1.00 66.96 ? 2 TYR B OH  1 
ATOM   83  N N   . SER B 1 3 ? 8.961   7.402   3.749  1.00 63.36 ? 3 SER B N   1 
ATOM   84  C CA  . SER B 1 3 ? 9.153   8.779   4.202  1.00 63.36 ? 3 SER B CA  1 
ATOM   85  C C   . SER B 1 3 ? 9.249   9.710   2.998  1.00 63.36 ? 3 SER B C   1 
ATOM   86  O O   . SER B 1 3 ? 10.345  10.145  2.620  1.00 63.36 ? 3 SER B O   1 
ATOM   87  C CB  . SER B 1 3 ? 10.399  8.902   5.076  1.00 63.36 ? 3 SER B CB  1 
ATOM   88  O OG  . SER B 1 3 ? 11.576  8.782   4.296  1.00 63.36 ? 3 SER B OG  1 
ATOM   89  N N   . PRO B 1 4 ? 8.118   10.043  2.379  1.00 64.42 ? 4 PRO B N   1 
ATOM   90  C CA  . PRO B 1 4 ? 8.155   10.909  1.196  1.00 64.42 ? 4 PRO B CA  1 
ATOM   91  C C   . PRO B 1 4 ? 8.293   12.381  1.547  1.00 64.42 ? 4 PRO B C   1 
ATOM   92  O O   . PRO B 1 4 ? 7.307   13.123  1.543  1.00 64.42 ? 4 PRO B O   1 
ATOM   93  C CB  . PRO B 1 4 ? 6.812   10.615  0.523  1.00 64.42 ? 4 PRO B CB  1 
ATOM   94  C CG  . PRO B 1 4 ? 5.907   10.329  1.671  1.00 64.42 ? 4 PRO B CG  1 
ATOM   95  C CD  . PRO B 1 4 ? 6.749   9.599   2.691  1.00 64.42 ? 4 PRO B CD  1 
ATOM   96  N N   . THR B 1 5 ? 9.492   12.817  1.850  1.00 69.76 ? 5 THR B N   1 
ATOM   97  C CA  . THR B 1 5 ? 9.690   14.206  2.190  1.00 69.76 ? 5 THR B CA  1 
ATOM   98  C C   . THR B 1 5 ? 9.560   15.059  0.970  1.00 69.76 ? 5 THR B C   1 
ATOM   99  O O   . THR B 1 5 ? 9.868   14.633  -0.121 1.00 69.76 ? 5 THR B O   1 
ATOM   100 C CB  . THR B 1 5 ? 11.097  14.436  2.731  1.00 69.76 ? 5 THR B CB  1 
ATOM   101 O OG1 . THR B 1 5 ? 11.435  15.822  2.638  1.00 69.76 ? 5 THR B OG1 1 
ATOM   102 C CG2 . THR B 1 5 ? 12.084  13.644  1.924  1.00 69.76 ? 5 THR B CG2 1 
ATOM   103 N N   . SER B 1 6 ? 9.169   16.301  1.158  1.00 73.51 ? 6 SER B N   1 
ATOM   104 C CA  . SER B 1 6 ? 9.042   17.209  0.038  1.00 73.51 ? 6 SER B CA  1 
ATOM   105 C C   . SER B 1 6 ? 9.472   18.609  0.427  1.00 73.51 ? 6 SER B C   1 
ATOM   106 O O   . SER B 1 6 ? 9.158   19.569  -0.265 1.00 73.51 ? 6 SER B O   1 
ATOM   107 C CB  . SER B 1 6 ? 7.615   17.229  -0.485 1.00 73.51 ? 6 SER B CB  1 
ATOM   108 O OG  . SER B 1 6 ? 7.294   16.004  -1.109 1.00 73.51 ? 6 SER B OG  1 
HETATM 109 C CA  . OG9 C 1 1 ? -3.019  -0.296  -0.442 1.00 65.73 ? 1 OG9 C CA  1 
HETATM 110 C C   . OG9 C 1 1 ? -2.801  0.577   -1.672 1.00 65.73 ? 1 OG9 C C   1 
HETATM 111 O O   . OG9 C 1 1 ? -1.702  0.571   -2.282 1.00 65.73 ? 1 OG9 C O   1 
HETATM 112 C C05 . OG9 C 1 1 ? -1.716  -0.777  0.186  1.00 65.73 ? 1 OG9 C C05 1 
HETATM 113 C C06 . OG9 C 1 1 ? -1.165  -2.008  -0.207 1.00 65.73 ? 1 OG9 C C06 1 
HETATM 114 C C07 . OG9 C 1 1 ? 0.028   -2.457  0.368  1.00 65.73 ? 1 OG9 C C07 1 
HETATM 115 C C08 . OG9 C 1 1 ? 0.686   -1.662  1.348  1.00 65.73 ? 1 OG9 C C08 1 
HETATM 116 C C09 . OG9 C 1 1 ? 1.893   -2.113  1.927  1.00 65.73 ? 1 OG9 C C09 1 
HETATM 117 C C10 . OG9 C 1 1 ? 2.530   -1.345  2.874  1.00 65.73 ? 1 OG9 C C10 1 
HETATM 118 C C11 . OG9 C 1 1 ? 1.975   -0.102  3.270  1.00 65.73 ? 1 OG9 C C11 1 
HETATM 119 C C12 . OG9 C 1 1 ? 2.631   0.689   4.247  1.00 65.73 ? 1 OG9 C C12 1 
HETATM 120 C C13 . OG9 C 1 1 ? 2.084   1.916   4.639  1.00 65.73 ? 1 OG9 C C13 1 
HETATM 121 C C14 . OG9 C 1 1 ? 0.896   2.362   4.069  1.00 65.73 ? 1 OG9 C C14 1 
HETATM 122 C C15 . OG9 C 1 1 ? 0.236   1.571   3.088  1.00 65.73 ? 1 OG9 C C15 1 
HETATM 123 C C16 . OG9 C 1 1 ? 0.782   0.344   2.698  1.00 65.73 ? 1 OG9 C C16 1 
HETATM 124 C C17 . OG9 C 1 1 ? 0.140   -0.434  1.739  1.00 65.73 ? 1 OG9 C C17 1 
HETATM 125 C C18 . OG9 C 1 1 ? -1.064  0.016   1.162  1.00 65.73 ? 1 OG9 C C18 1 
HETATM 126 C C19 . OG9 C 1 1 ? -1.613  1.248   1.553  1.00 65.73 ? 1 OG9 C C19 1 
HETATM 127 C C20 . OG9 C 1 1 ? -0.972  2.022   2.508  1.00 65.73 ? 1 OG9 C C20 1 
ATOM   128 N N   . TYR C 1 2 ? -3.837  1.322   -2.041 1.00 61.38 ? 2 TYR C N   1 
ATOM   129 C CA  . TYR C 1 2 ? -3.766  2.256   -3.154 1.00 61.38 ? 2 TYR C CA  1 
ATOM   130 C C   . TYR C 1 2 ? -3.253  3.602   -2.655 1.00 61.38 ? 2 TYR C C   1 
ATOM   131 O O   . TYR C 1 2 ? -3.953  4.306   -1.929 1.00 61.38 ? 2 TYR C O   1 
ATOM   132 C CB  . TYR C 1 2 ? -5.144  2.407   -3.802 1.00 61.38 ? 2 TYR C CB  1 
ATOM   133 C CG  . TYR C 1 2 ? -5.178  3.279   -5.037 1.00 61.38 ? 2 TYR C CG  1 
ATOM   134 C CD1 . TYR C 1 2 ? -5.385  4.646   -4.939 1.00 61.38 ? 2 TYR C CD1 1 
ATOM   135 C CD2 . TYR C 1 2 ? -5.015  2.733   -6.299 1.00 61.38 ? 2 TYR C CD2 1 
ATOM   136 C CE1 . TYR C 1 2 ? -5.422  5.444   -6.060 1.00 61.38 ? 2 TYR C CE1 1 
ATOM   137 C CE2 . TYR C 1 2 ? -5.053  3.525   -7.429 1.00 61.38 ? 2 TYR C CE2 1 
ATOM   138 C CZ  . TYR C 1 2 ? -5.255  4.880   -7.302 1.00 61.38 ? 2 TYR C CZ  1 
ATOM   139 O OH  . TYR C 1 2 ? -5.292  5.677   -8.421 1.00 61.38 ? 2 TYR C OH  1 
ATOM   140 N N   . SER C 1 3 ? -2.029  3.957   -3.039 1.00 63.31 ? 3 SER C N   1 
ATOM   141 C CA  . SER C 1 3 ? -1.434  5.195   -2.554 1.00 63.31 ? 3 SER C CA  1 
ATOM   142 C C   . SER C 1 3 ? -0.413  5.741   -3.542 1.00 63.31 ? 3 SER C C   1 
ATOM   143 O O   . SER C 1 3 ? 0.794   5.543   -3.358 1.00 63.31 ? 3 SER C O   1 
ATOM   144 C CB  . SER C 1 3 ? -0.773  4.972   -1.194 1.00 63.31 ? 3 SER C CB  1 
ATOM   145 O OG  . SER C 1 3 ? 0.501   4.373   -1.347 1.00 63.31 ? 3 SER C OG  1 
ATOM   146 N N   . PRO C 1 4 ? -0.847  6.427   -4.592 1.00 63.80 ? 4 PRO C N   1 
ATOM   147 C CA  . PRO C 1 4 ? 0.093   7.058   -5.519 1.00 63.80 ? 4 PRO C CA  1 
ATOM   148 C C   . PRO C 1 4 ? 0.631   8.369   -4.954 1.00 63.80 ? 4 PRO C C   1 
ATOM   149 O O   . PRO C 1 4 ? 0.346   8.757   -3.821 1.00 63.80 ? 4 PRO C O   1 
ATOM   150 C CB  . PRO C 1 4 ? -0.767  7.307   -6.762 1.00 63.80 ? 4 PRO C CB  1 
ATOM   151 C CG  . PRO C 1 4 ? -2.129  7.501   -6.211 1.00 63.80 ? 4 PRO C CG  1 
ATOM   152 C CD  . PRO C 1 4 ? -2.237  6.545   -5.059 1.00 63.80 ? 4 PRO C CD  1 
ATOM   153 N N   . THR C 1 5 ? 1.426   9.046   -5.776 1.00 68.53 ? 5 THR C N   1 
ATOM   154 C CA  . THR C 1 5 ? 1.997   10.334  -5.397 1.00 68.53 ? 5 THR C CA  1 
ATOM   155 C C   . THR C 1 5 ? 2.139   11.247  -6.610 1.00 68.53 ? 5 THR C C   1 
ATOM   156 O O   . THR C 1 5 ? 1.485   12.286  -6.697 1.00 68.53 ? 5 THR C O   1 
ATOM   157 C CB  . THR C 1 5 ? 3.372   10.169  -4.728 1.00 68.53 ? 5 THR C CB  1 
ATOM   158 O OG1 . THR C 1 5 ? 3.239   9.373   -3.545 1.00 68.53 ? 5 THR C OG1 1 
ATOM   159 C CG2 . THR C 1 5 ? 3.950   11.524  -4.357 1.00 68.53 ? 5 THR C CG2 1 
HETATM 160 C CA  . OG9 D 1 1 ? -10.167 -2.702  -4.824 1.00 55.62 ? 1 OG9 D CA  1 
HETATM 161 C C   . OG9 D 1 1 ? -10.771 -3.875  -5.583 1.00 55.62 ? 1 OG9 D C   1 
HETATM 162 O O   . OG9 D 1 1 ? -10.258 -4.288  -6.655 1.00 55.62 ? 1 OG9 D O   1 
HETATM 163 C C05 . OG9 D 1 1 ? -8.645  -2.594  -4.875 1.00 55.62 ? 1 OG9 D C05 1 
HETATM 164 C C06 . OG9 D 1 1 ? -8.039  -1.752  -5.825 1.00 55.62 ? 1 OG9 D C06 1 
HETATM 165 C C07 . OG9 D 1 1 ? -6.646  -1.634  -5.874 1.00 55.62 ? 1 OG9 D C07 1 
HETATM 166 C C08 . OG9 D 1 1 ? -5.838  -2.365  -4.958 1.00 55.62 ? 1 OG9 D C08 1 
HETATM 167 C C09 . OG9 D 1 1 ? -4.432  -2.245  -5.012 1.00 55.62 ? 1 OG9 D C09 1 
HETATM 168 C C10 . OG9 D 1 1 ? -3.649  -2.951  -4.129 1.00 55.62 ? 1 OG9 D C10 1 
HETATM 169 C C11 . OG9 D 1 1 ? -4.256  -3.798  -3.169 1.00 55.62 ? 1 OG9 D C11 1 
HETATM 170 C C12 . OG9 D 1 1 ? -3.451  -4.524  -2.260 1.00 55.62 ? 1 OG9 D C12 1 
HETATM 171 C C13 . OG9 D 1 1 ? -4.047  -5.362  -1.309 1.00 55.62 ? 1 OG9 D C13 1 
HETATM 172 C C14 . OG9 D 1 1 ? -5.431  -5.481  -1.258 1.00 55.62 ? 1 OG9 D C14 1 
HETATM 173 C C15 . OG9 D 1 1 ? -6.240  -4.752  -2.170 1.00 55.62 ? 1 OG9 D C15 1 
HETATM 174 C C16 . OG9 D 1 1 ? -5.645  -3.916  -3.118 1.00 55.62 ? 1 OG9 D C16 1 
HETATM 175 C C17 . OG9 D 1 1 ? -6.436  -3.201  -4.011 1.00 55.62 ? 1 OG9 D C17 1 
HETATM 176 C C18 . OG9 D 1 1 ? -7.840  -3.319  -3.963 1.00 55.62 ? 1 OG9 D C18 1 
HETATM 177 C C19 . OG9 D 1 1 ? -8.438  -4.159  -3.010 1.00 55.62 ? 1 OG9 D C19 1 
HETATM 178 C C20 . OG9 D 1 1 ? -7.648  -4.871  -2.120 1.00 55.62 ? 1 OG9 D C20 1 
ATOM   179 N N   . TYR D 1 2 ? -11.863 -4.409  -5.046 1.00 58.29 ? 2 TYR D N   1 
ATOM   180 C CA  . TYR D 1 2 ? -12.562 -5.523  -5.675 1.00 58.29 ? 2 TYR D CA  1 
ATOM   181 C C   . TYR D 1 2 ? -13.482 -5.012  -6.775 1.00 58.29 ? 2 TYR D C   1 
ATOM   182 O O   . TYR D 1 2 ? -13.766 -3.816  -6.852 1.00 58.29 ? 2 TYR D O   1 
ATOM   183 C CB  . TYR D 1 2 ? -13.367 -6.325  -4.644 1.00 58.29 ? 2 TYR D CB  1 
ATOM   184 C CG  . TYR D 1 2 ? -12.587 -6.803  -3.435 1.00 58.29 ? 2 TYR D CG  1 
ATOM   185 C CD1 . TYR D 1 2 ? -11.198 -6.783  -3.414 1.00 58.29 ? 2 TYR D CD1 1 
ATOM   186 C CD2 . TYR D 1 2 ? -13.247 -7.279  -2.314 1.00 58.29 ? 2 TYR D CD2 1 
ATOM   187 C CE1 . TYR D 1 2 ? -10.495 -7.220  -2.309 1.00 58.29 ? 2 TYR D CE1 1 
ATOM   188 C CE2 . TYR D 1 2 ? -12.552 -7.719  -1.206 1.00 58.29 ? 2 TYR D CE2 1 
ATOM   189 C CZ  . TYR D 1 2 ? -11.177 -7.688  -1.209 1.00 58.29 ? 2 TYR D CZ  1 
ATOM   190 O OH  . TYR D 1 2 ? -10.484 -8.127  -0.104 1.00 58.29 ? 2 TYR D OH  1 
# 
